data_8K5Y
#
_entry.id   8K5Y
#
_cell.length_a   91.530
_cell.length_b   73.990
_cell.length_c   77.130
_cell.angle_alpha   90.00
_cell.angle_beta   103.36
_cell.angle_gamma   90.00
#
_symmetry.space_group_name_H-M   'C 1 2 1'
#
loop_
_entity.id
_entity.type
_entity.pdbx_description
1 polymer 'Matrix metalloproteinase-9'
2 non-polymer 'ZINC ION'
3 non-polymer 'CALCIUM ION'
4 non-polymer (3-azanyl-4-fluoranyl-5,7,8,9-tetrahydropyrido[4,3-c]azepin-6-yl)-[6-(2-oxidanylpropan-2-yl)-1H-indol-2-yl]methanone
5 non-polymer 'DIHYDROGENPHOSPHATE ION'
6 water water
#
_entity_poly.entity_id   1
_entity_poly.type   'polypeptide(L)'
_entity_poly.pdbx_seq_one_letter_code
;MVLFPGDLRTNLTDRQLAEEYLYRYGYTRVAEMRGESKSLGPALLLLQKQLSLPETGELDSATLKAMRTPRCGVPDLGRF
QTFEGDLKWHHHNITYWIQNYSEDLPRAVIDDAFARAFALWSAVTPLTFTRVYSRDADIVIQFGVAEHGDGYPFDGKDGL
LAHAFPPGPGIQGDAHFDDDELWSLGKGQGYSLFLVAAHEFGHALGLDHSSVPEALMYPMYRFTEGPPLHKDDVNGIRHL
YG
;
_entity_poly.pdbx_strand_id   A,B
#
loop_
_chem_comp.id
_chem_comp.type
_chem_comp.name
_chem_comp.formula
2HP non-polymer 'DIHYDROGENPHOSPHATE ION' 'H2 O4 P -1'
CA non-polymer 'CALCIUM ION' 'Ca 2'
VP6 non-polymer (3-azanyl-4-fluoranyl-5,7,8,9-tetrahydropyrido[4,3-c]azepin-6-yl)-[6-(2-oxidanylpropan-2-yl)-1H-indol-2-yl]methanone 'C21 H23 F N4 O2'
ZN non-polymer 'ZINC ION' 'Zn 2'
#
# COMPACT_ATOMS: atom_id res chain seq x y z
N ASN A 11 -14.02 -7.66 34.61
CA ASN A 11 -15.42 -8.12 34.96
C ASN A 11 -16.42 -6.94 35.10
N LEU A 12 -16.25 -5.85 34.34
CA LEU A 12 -17.38 -4.91 34.04
C LEU A 12 -18.57 -5.70 33.46
N THR A 13 -19.79 -5.34 33.83
CA THR A 13 -21.01 -5.88 33.18
C THR A 13 -21.11 -5.27 31.77
N ASP A 14 -21.94 -5.89 30.93
CA ASP A 14 -22.21 -5.38 29.55
C ASP A 14 -22.71 -3.94 29.67
N ARG A 15 -23.60 -3.62 30.60
CA ARG A 15 -24.16 -2.25 30.73
C ARG A 15 -23.05 -1.27 31.15
N GLN A 16 -22.18 -1.65 32.08
CA GLN A 16 -21.07 -0.78 32.58
C GLN A 16 -20.10 -0.53 31.42
N LEU A 17 -19.77 -1.56 30.61
CA LEU A 17 -18.92 -1.39 29.40
C LEU A 17 -19.57 -0.36 28.47
N ALA A 18 -20.86 -0.50 28.19
CA ALA A 18 -21.58 0.43 27.29
C ALA A 18 -21.48 1.86 27.81
N GLU A 19 -21.77 2.09 29.09
CA GLU A 19 -21.71 3.47 29.67
C GLU A 19 -20.28 4.04 29.51
N GLU A 20 -19.24 3.27 29.80
CA GLU A 20 -17.83 3.70 29.72
C GLU A 20 -17.45 4.06 28.27
N TYR A 21 -17.89 3.24 27.32
CA TYR A 21 -17.56 3.41 25.89
C TYR A 21 -18.20 4.70 25.40
N LEU A 22 -19.49 4.86 25.67
CA LEU A 22 -20.24 6.06 25.23
C LEU A 22 -19.61 7.33 25.83
N TYR A 23 -19.11 7.26 27.06
CA TYR A 23 -18.47 8.44 27.71
C TYR A 23 -17.12 8.72 27.04
N ARG A 24 -16.25 7.74 27.05
CA ARG A 24 -14.85 7.85 26.59
C ARG A 24 -14.82 8.44 25.19
N TYR A 25 -15.69 7.99 24.27
CA TYR A 25 -15.49 8.33 22.84
C TYR A 25 -16.38 9.54 22.43
N GLY A 26 -17.09 10.17 23.39
CA GLY A 26 -17.74 11.48 23.16
C GLY A 26 -19.24 11.40 22.94
N TYR A 27 -19.84 10.21 22.88
CA TYR A 27 -21.29 10.06 22.58
C TYR A 27 -22.15 10.69 23.71
N THR A 28 -21.82 10.43 24.97
CA THR A 28 -22.60 10.93 26.11
C THR A 28 -22.60 12.47 26.08
N ARG A 29 -21.46 13.12 25.80
CA ARG A 29 -21.38 14.61 25.78
C ARG A 29 -22.31 15.14 24.67
N VAL A 30 -22.25 14.57 23.46
CA VAL A 30 -23.18 15.00 22.40
C VAL A 30 -24.64 14.80 22.83
N ALA A 31 -24.97 13.67 23.45
CA ALA A 31 -26.38 13.45 23.93
C ALA A 31 -26.76 14.55 24.95
N GLU A 32 -25.86 14.96 25.82
CA GLU A 32 -26.14 16.05 26.79
C GLU A 32 -26.49 17.35 26.04
N MET A 33 -25.74 17.64 24.97
CA MET A 33 -25.96 18.89 24.18
C MET A 33 -27.31 18.85 23.47
N ARG A 34 -27.95 17.67 23.39
CA ARG A 34 -29.25 17.44 22.70
C ARG A 34 -30.36 17.14 23.72
N GLY A 35 -30.09 17.34 25.03
CA GLY A 35 -31.09 17.18 26.08
C GLY A 35 -31.49 15.72 26.31
N GLU A 36 -30.65 14.75 25.92
CA GLU A 36 -31.11 13.32 25.85
C GLU A 36 -30.06 12.39 26.48
N SER A 37 -29.48 12.77 27.62
CA SER A 37 -28.45 11.93 28.32
C SER A 37 -29.02 11.15 29.52
N LYS A 38 -30.32 11.12 29.80
CA LYS A 38 -30.81 10.45 31.03
C LYS A 38 -31.22 8.98 30.77
N SER A 39 -31.15 8.51 29.52
CA SER A 39 -31.32 7.08 29.13
C SER A 39 -30.24 6.74 28.07
N LEU A 40 -29.97 5.47 27.87
CA LEU A 40 -28.85 5.00 27.02
C LEU A 40 -29.17 5.12 25.53
N GLY A 41 -30.45 5.10 25.14
CA GLY A 41 -30.90 4.88 23.75
C GLY A 41 -30.41 5.95 22.79
N PRO A 42 -30.58 7.25 23.09
CA PRO A 42 -30.18 8.28 22.15
C PRO A 42 -28.67 8.24 21.84
N ALA A 43 -27.85 8.03 22.86
CA ALA A 43 -26.39 7.95 22.66
C ALA A 43 -26.06 6.72 21.79
N LEU A 44 -26.71 5.59 22.06
CA LEU A 44 -26.52 4.35 21.26
C LEU A 44 -26.81 4.62 19.78
N LEU A 45 -27.86 5.41 19.48
CA LEU A 45 -28.20 5.74 18.06
C LEU A 45 -27.08 6.58 17.45
N LEU A 46 -26.50 7.52 18.20
CA LEU A 46 -25.33 8.33 17.73
C LEU A 46 -24.13 7.42 17.43
N LEU A 47 -23.84 6.45 18.27
CA LEU A 47 -22.74 5.48 18.07
C LEU A 47 -23.03 4.56 16.87
N GLN A 48 -24.27 4.05 16.69
CA GLN A 48 -24.59 3.14 15.57
C GLN A 48 -24.43 3.91 14.25
N LYS A 49 -24.87 5.16 14.18
CA LYS A 49 -24.65 5.98 12.95
C LYS A 49 -23.15 6.15 12.68
N GLN A 50 -22.38 6.54 13.70
CA GLN A 50 -20.93 6.84 13.55
C GLN A 50 -20.16 5.59 13.14
N LEU A 51 -20.50 4.39 13.63
CA LEU A 51 -19.75 3.14 13.34
C LEU A 51 -20.38 2.32 12.17
N SER A 52 -21.45 2.79 11.55
CA SER A 52 -22.17 2.08 10.44
C SER A 52 -22.70 0.74 10.95
N LEU A 53 -23.31 0.74 12.14
CA LEU A 53 -24.08 -0.43 12.66
C LEU A 53 -25.56 -0.20 12.36
N PRO A 54 -26.42 -1.25 12.44
CA PRO A 54 -27.87 -1.01 12.36
C PRO A 54 -28.34 -0.03 13.46
N GLU A 55 -29.18 0.95 13.07
CA GLU A 55 -29.61 2.08 13.93
C GLU A 55 -30.85 1.75 14.75
N THR A 56 -30.70 0.89 15.76
CA THR A 56 -31.82 0.33 16.57
C THR A 56 -32.07 1.15 17.82
N GLY A 57 -31.08 1.87 18.36
CA GLY A 57 -31.21 2.53 19.67
C GLY A 57 -31.19 1.57 20.83
N GLU A 58 -30.82 0.30 20.61
CA GLU A 58 -30.80 -0.75 21.65
C GLU A 58 -29.37 -1.25 21.88
N LEU A 59 -29.09 -1.71 23.10
CA LEU A 59 -27.82 -2.37 23.45
C LEU A 59 -27.99 -3.82 23.03
N ASP A 60 -27.92 -4.00 21.71
CA ASP A 60 -28.11 -5.29 21.02
C ASP A 60 -26.77 -6.03 20.79
N SER A 61 -26.85 -7.21 20.16
CA SER A 61 -25.63 -8.04 19.99
C SER A 61 -24.58 -7.36 19.09
N ALA A 62 -24.99 -6.73 18.00
CA ALA A 62 -24.03 -6.07 17.07
C ALA A 62 -23.36 -4.89 17.81
N THR A 63 -24.11 -4.14 18.61
CA THR A 63 -23.56 -2.97 19.35
C THR A 63 -22.61 -3.43 20.46
N LEU A 64 -22.97 -4.48 21.24
CA LEU A 64 -22.08 -5.01 22.30
C LEU A 64 -20.80 -5.60 21.66
N LYS A 65 -20.93 -6.32 20.56
CA LYS A 65 -19.72 -6.86 19.85
C LYS A 65 -18.83 -5.71 19.42
N ALA A 66 -19.38 -4.63 18.86
CA ALA A 66 -18.60 -3.43 18.51
C ALA A 66 -17.90 -2.86 19.75
N MET A 67 -18.61 -2.67 20.85
CA MET A 67 -18.01 -2.07 22.09
C MET A 67 -16.90 -2.96 22.67
N ARG A 68 -16.94 -4.28 22.51
CA ARG A 68 -15.89 -5.18 23.05
C ARG A 68 -14.68 -5.26 22.11
N THR A 69 -14.74 -4.66 20.94
CA THR A 69 -13.65 -4.78 19.93
C THR A 69 -12.51 -3.82 20.28
N PRO A 70 -11.24 -4.28 20.34
CA PRO A 70 -10.12 -3.37 20.53
C PRO A 70 -10.06 -2.29 19.44
N ARG A 71 -9.65 -1.09 19.87
CA ARG A 71 -9.77 0.10 19.01
C ARG A 71 -8.75 1.18 19.37
N CYS A 72 -8.84 2.25 18.62
CA CYS A 72 -8.05 3.50 18.80
C CYS A 72 -8.57 4.29 20.01
N GLY A 73 -7.67 4.88 20.78
CA GLY A 73 -8.02 5.71 21.94
C GLY A 73 -8.49 7.14 21.64
N VAL A 74 -8.41 7.59 20.39
CA VAL A 74 -8.85 8.97 20.00
C VAL A 74 -10.37 8.97 20.05
N PRO A 75 -11.01 10.01 20.62
CA PRO A 75 -12.46 10.10 20.56
C PRO A 75 -13.05 10.13 19.14
N ASP A 76 -14.36 9.89 19.05
CA ASP A 76 -15.11 9.86 17.77
C ASP A 76 -15.89 11.19 17.61
N LEU A 77 -16.52 11.68 18.64
CA LEU A 77 -17.62 12.66 18.45
C LEU A 77 -17.53 13.80 19.41
N GLY A 78 -16.62 13.76 20.37
CA GLY A 78 -16.76 14.76 21.44
C GLY A 78 -15.67 14.57 22.43
N ARG A 79 -15.54 15.51 23.36
CA ARG A 79 -14.39 15.55 24.29
C ARG A 79 -13.03 15.56 23.54
N PHE A 80 -12.93 16.03 22.29
CA PHE A 80 -11.60 16.34 21.69
C PHE A 80 -11.03 17.61 22.37
N GLN A 81 -9.72 17.64 22.73
CA GLN A 81 -9.05 18.80 23.39
C GLN A 81 -8.98 19.98 22.40
N THR A 82 -8.98 21.22 22.91
CA THR A 82 -8.69 22.40 22.05
C THR A 82 -7.17 22.46 21.79
N PHE A 83 -6.75 22.51 20.51
CA PHE A 83 -5.31 22.55 20.09
C PHE A 83 -4.97 23.85 19.36
N GLU A 84 -3.68 24.09 19.10
CA GLU A 84 -3.18 25.29 18.38
C GLU A 84 -3.19 25.05 16.86
N GLY A 85 -3.67 26.03 16.10
CA GLY A 85 -3.56 26.09 14.63
C GLY A 85 -4.72 25.37 13.96
N ASP A 86 -4.59 25.18 12.65
CA ASP A 86 -5.64 24.63 11.75
C ASP A 86 -5.48 23.11 11.55
N LEU A 87 -4.58 22.45 12.28
CA LEU A 87 -4.49 20.96 12.36
C LEU A 87 -4.11 20.35 11.01
N LYS A 88 -3.27 21.02 10.25
CA LYS A 88 -2.49 20.40 9.14
C LYS A 88 -1.06 20.91 9.21
N TRP A 89 -0.13 20.14 8.65
CA TRP A 89 1.27 20.59 8.52
C TRP A 89 1.40 21.68 7.47
N HIS A 90 2.36 22.60 7.68
CA HIS A 90 2.63 23.74 6.76
C HIS A 90 4.08 23.70 6.28
N HIS A 91 4.73 22.54 6.31
CA HIS A 91 5.99 22.22 5.63
C HIS A 91 5.90 20.82 5.03
N HIS A 92 6.81 20.52 4.13
CA HIS A 92 6.80 19.30 3.30
C HIS A 92 7.51 18.12 3.99
N ASN A 93 8.60 18.37 4.70
CA ASN A 93 9.46 17.27 5.20
C ASN A 93 9.13 17.06 6.67
N ILE A 94 8.31 16.05 6.92
CA ILE A 94 7.86 15.73 8.28
C ILE A 94 8.89 14.78 8.92
N THR A 95 9.46 15.16 10.06
CA THR A 95 10.50 14.36 10.74
C THR A 95 9.81 13.54 11.84
N TYR A 96 10.38 12.39 12.18
CA TYR A 96 9.91 11.56 13.32
C TYR A 96 11.07 11.03 14.16
N TRP A 97 10.83 10.89 15.47
CA TRP A 97 11.83 10.42 16.47
C TRP A 97 11.21 9.27 17.24
N ILE A 98 11.83 8.09 17.21
CA ILE A 98 11.44 6.91 18.02
C ILE A 98 12.13 7.07 19.38
N GLN A 99 11.41 7.59 20.37
CA GLN A 99 11.97 8.05 21.66
C GLN A 99 12.33 6.85 22.54
N ASN A 100 11.57 5.77 22.49
CA ASN A 100 11.82 4.56 23.31
C ASN A 100 11.24 3.36 22.58
N TYR A 101 11.48 2.18 23.13
CA TYR A 101 11.17 0.87 22.54
C TYR A 101 10.39 -0.02 23.52
N SER A 102 9.36 -0.69 23.02
CA SER A 102 8.79 -1.91 23.64
C SER A 102 9.86 -2.96 23.64
N GLU A 103 9.89 -3.79 24.67
CA GLU A 103 10.76 -4.99 24.67
C GLU A 103 10.12 -6.15 23.91
N ASP A 104 8.88 -6.01 23.41
CA ASP A 104 8.14 -7.14 22.78
C ASP A 104 8.73 -7.55 21.42
N LEU A 105 9.46 -6.66 20.72
CA LEU A 105 10.04 -6.93 19.37
C LEU A 105 11.48 -6.41 19.36
N PRO A 106 12.35 -6.95 18.47
CA PRO A 106 13.68 -6.37 18.27
C PRO A 106 13.56 -4.92 17.80
N ARG A 107 14.54 -4.08 18.18
CA ARG A 107 14.54 -2.65 17.77
C ARG A 107 14.46 -2.54 16.24
N ALA A 108 15.17 -3.35 15.43
CA ALA A 108 15.16 -3.17 13.95
C ALA A 108 13.76 -3.49 13.38
N VAL A 109 13.02 -4.40 14.00
CA VAL A 109 11.65 -4.79 13.55
C VAL A 109 10.67 -3.65 13.88
N ILE A 110 10.81 -3.02 15.03
CA ILE A 110 9.99 -1.85 15.40
C ILE A 110 10.28 -0.68 14.44
N ASP A 111 11.58 -0.39 14.19
CA ASP A 111 12.01 0.67 13.23
C ASP A 111 11.36 0.44 11.85
N ASP A 112 11.41 -0.80 11.35
CA ASP A 112 10.86 -1.13 10.03
C ASP A 112 9.33 -1.03 10.04
N ALA A 113 8.66 -1.42 11.12
CA ALA A 113 7.18 -1.32 11.16
C ALA A 113 6.78 0.15 10.98
N PHE A 114 7.43 1.07 11.71
CA PHE A 114 7.14 2.53 11.59
C PHE A 114 7.51 3.03 10.18
N ALA A 115 8.65 2.64 9.61
CA ALA A 115 9.05 3.07 8.25
C ALA A 115 8.01 2.63 7.23
N ARG A 116 7.53 1.38 7.34
CA ARG A 116 6.52 0.87 6.38
C ARG A 116 5.22 1.65 6.52
N ALA A 117 4.82 1.94 7.76
CA ALA A 117 3.57 2.71 7.95
C ALA A 117 3.68 4.10 7.32
N PHE A 118 4.83 4.78 7.47
CA PHE A 118 5.03 6.09 6.80
C PHE A 118 5.05 5.91 5.26
N ALA A 119 5.65 4.85 4.73
CA ALA A 119 5.75 4.57 3.27
C ALA A 119 4.33 4.42 2.67
N LEU A 120 3.35 3.94 3.44
CA LEU A 120 1.96 3.82 2.97
C LEU A 120 1.42 5.22 2.68
N TRP A 121 1.62 6.18 3.60
CA TRP A 121 1.13 7.56 3.40
C TRP A 121 1.95 8.33 2.39
N SER A 122 3.25 8.12 2.36
CA SER A 122 4.13 8.91 1.47
C SER A 122 3.66 8.78 -0.01
N ALA A 123 3.21 7.62 -0.46
CA ALA A 123 2.86 7.45 -1.90
C ALA A 123 1.64 8.31 -2.30
N VAL A 124 0.78 8.67 -1.36
CA VAL A 124 -0.56 9.30 -1.63
C VAL A 124 -0.63 10.74 -1.11
N THR A 125 0.48 11.35 -0.68
CA THR A 125 0.49 12.73 -0.09
C THR A 125 1.71 13.46 -0.62
N PRO A 126 1.71 14.80 -0.78
CA PRO A 126 2.93 15.49 -1.18
C PRO A 126 4.02 15.57 -0.09
N LEU A 127 3.83 14.98 1.06
CA LEU A 127 4.78 15.04 2.21
C LEU A 127 5.83 13.93 2.10
N THR A 128 7.01 14.14 2.68
CA THR A 128 8.03 13.09 2.91
C THR A 128 8.19 12.88 4.41
N PHE A 129 8.69 11.70 4.80
CA PHE A 129 8.85 11.30 6.21
C PHE A 129 10.30 10.88 6.41
N THR A 130 11.00 11.57 7.32
CA THR A 130 12.43 11.30 7.53
C THR A 130 12.68 11.08 9.02
N ARG A 131 13.39 10.01 9.34
CA ARG A 131 13.78 9.70 10.74
C ARG A 131 14.89 10.63 11.25
N VAL A 132 14.74 11.14 12.47
CA VAL A 132 15.76 11.92 13.19
C VAL A 132 15.94 11.32 14.58
N TYR A 133 16.96 11.83 15.27
CA TYR A 133 17.31 11.48 16.68
C TYR A 133 17.33 12.80 17.45
N SER A 134 16.18 13.39 17.79
CA SER A 134 16.08 14.75 18.39
C SER A 134 14.66 15.01 18.88
N ARG A 135 14.56 15.75 20.00
CA ARG A 135 13.30 16.03 20.74
C ARG A 135 12.37 16.91 19.90
N ASP A 136 12.90 17.65 18.93
CA ASP A 136 12.11 18.65 18.15
C ASP A 136 11.67 18.06 16.80
N ALA A 137 11.85 16.77 16.54
CA ALA A 137 11.09 16.08 15.48
C ALA A 137 9.62 16.51 15.45
N ASP A 138 8.94 16.46 14.30
CA ASP A 138 7.46 16.78 14.23
C ASP A 138 6.66 15.70 14.99
N ILE A 139 6.95 14.45 14.67
CA ILE A 139 6.18 13.29 15.19
C ILE A 139 7.07 12.56 16.20
N VAL A 140 6.82 12.78 17.50
CA VAL A 140 7.55 12.00 18.52
C VAL A 140 6.76 10.72 18.82
N ILE A 141 7.40 9.57 18.74
CA ILE A 141 6.81 8.23 18.97
C ILE A 141 7.27 7.70 20.32
N GLN A 142 6.32 7.29 21.15
CA GLN A 142 6.61 6.74 22.47
C GLN A 142 5.74 5.51 22.72
N PHE A 143 6.29 4.57 23.48
CA PHE A 143 5.57 3.44 24.12
C PHE A 143 5.36 3.84 25.58
N GLY A 144 4.17 3.61 26.15
CA GLY A 144 3.90 3.97 27.55
C GLY A 144 2.81 3.11 28.13
N VAL A 145 2.68 3.11 29.45
CA VAL A 145 1.61 2.33 30.15
C VAL A 145 0.80 3.30 31.00
N ALA A 146 -0.51 3.08 31.05
CA ALA A 146 -1.40 3.82 31.96
C ALA A 146 -1.07 5.31 31.87
N GLU A 147 -0.86 6.04 32.96
CA GLU A 147 -0.54 7.49 32.86
C GLU A 147 0.94 7.58 32.42
N HIS A 148 1.19 8.17 31.25
CA HIS A 148 2.52 8.16 30.60
C HIS A 148 2.98 9.59 30.31
N GLY A 149 2.39 10.60 30.94
CA GLY A 149 2.94 11.97 30.90
C GLY A 149 2.07 12.99 30.21
N ASP A 150 0.93 12.63 29.58
CA ASP A 150 0.10 13.63 28.87
C ASP A 150 -1.32 13.79 29.43
N GLY A 151 -1.67 13.11 30.52
CA GLY A 151 -2.99 13.24 31.15
C GLY A 151 -4.09 12.50 30.40
N TYR A 152 -3.76 11.70 29.37
CA TYR A 152 -4.71 10.83 28.66
C TYR A 152 -4.30 9.39 28.86
N PRO A 153 -4.60 8.80 30.02
CA PRO A 153 -4.05 7.51 30.38
C PRO A 153 -4.60 6.36 29.55
N PHE A 154 -3.74 5.40 29.28
CA PHE A 154 -4.08 4.09 28.71
C PHE A 154 -4.79 3.23 29.78
N ASP A 155 -5.35 2.11 29.33
CA ASP A 155 -6.39 1.35 30.09
C ASP A 155 -5.94 -0.07 30.44
N GLY A 156 -4.67 -0.41 30.34
CA GLY A 156 -4.20 -1.79 30.54
C GLY A 156 -4.46 -2.65 29.34
N LYS A 157 -4.38 -3.96 29.51
CA LYS A 157 -4.43 -4.89 28.36
C LYS A 157 -5.77 -4.78 27.58
N ASP A 158 -5.72 -4.85 26.26
CA ASP A 158 -6.85 -4.77 25.28
C ASP A 158 -7.55 -3.42 25.39
N GLY A 159 -8.81 -3.29 24.93
CA GLY A 159 -9.53 -2.01 24.94
C GLY A 159 -8.85 -1.04 23.98
N LEU A 160 -8.44 0.15 24.46
CA LEU A 160 -7.78 1.06 23.47
C LEU A 160 -6.30 0.66 23.36
N LEU A 161 -5.76 0.81 22.13
CA LEU A 161 -4.41 0.27 21.78
C LEU A 161 -3.34 1.38 21.67
N ALA A 162 -3.73 2.63 21.39
CA ALA A 162 -2.81 3.70 20.98
C ALA A 162 -3.64 4.97 20.79
N HIS A 163 -2.97 6.12 20.68
CA HIS A 163 -3.60 7.40 20.33
C HIS A 163 -2.55 8.31 19.67
N ALA A 164 -3.01 9.40 19.07
CA ALA A 164 -2.13 10.36 18.42
C ALA A 164 -2.80 11.72 18.42
N PHE A 165 -1.99 12.75 18.21
CA PHE A 165 -2.38 14.18 18.29
C PHE A 165 -2.37 14.73 16.89
N PRO A 166 -3.28 15.68 16.57
CA PRO A 166 -3.29 16.29 15.25
C PRO A 166 -2.12 17.24 15.02
N PRO A 167 -1.82 17.57 13.74
CA PRO A 167 -0.66 18.38 13.39
C PRO A 167 -0.59 19.70 14.19
N GLY A 168 0.64 20.04 14.55
CA GLY A 168 0.99 21.30 15.17
C GLY A 168 2.26 21.19 16.00
N PRO A 169 2.54 22.20 16.84
CA PRO A 169 3.73 22.21 17.69
C PRO A 169 3.66 21.38 18.97
N GLY A 170 4.83 21.05 19.51
CA GLY A 170 4.97 20.33 20.79
C GLY A 170 4.35 18.95 20.72
N ILE A 171 3.46 18.64 21.66
CA ILE A 171 2.80 17.30 21.71
C ILE A 171 1.99 17.04 20.43
N GLN A 172 1.53 18.09 19.75
CA GLN A 172 0.75 17.94 18.50
C GLN A 172 1.61 17.18 17.47
N GLY A 173 0.98 16.23 16.77
CA GLY A 173 1.57 15.31 15.79
C GLY A 173 2.17 14.07 16.42
N ASP A 174 2.18 13.95 17.75
CA ASP A 174 2.90 12.83 18.38
C ASP A 174 2.04 11.54 18.40
N ALA A 175 2.65 10.38 18.53
CA ALA A 175 1.96 9.08 18.46
C ALA A 175 2.42 8.22 19.64
N HIS A 176 1.48 7.70 20.44
CA HIS A 176 1.76 6.89 21.64
C HIS A 176 1.11 5.51 21.51
N PHE A 177 1.83 4.45 21.91
CA PHE A 177 1.38 3.06 21.79
C PHE A 177 1.33 2.44 23.19
N ASP A 178 0.21 1.77 23.50
CA ASP A 178 -0.03 1.21 24.86
C ASP A 178 0.84 -0.05 25.01
N ASP A 179 1.84 0.02 25.86
CA ASP A 179 2.75 -1.15 26.00
C ASP A 179 2.20 -2.14 27.04
N ASP A 180 1.00 -1.96 27.60
CA ASP A 180 0.33 -3.10 28.28
C ASP A 180 -0.22 -4.05 27.20
N GLU A 181 -0.19 -3.69 25.93
CA GLU A 181 -0.49 -4.64 24.83
C GLU A 181 0.76 -5.42 24.49
N LEU A 182 0.58 -6.59 23.90
CA LEU A 182 1.68 -7.38 23.29
C LEU A 182 1.79 -6.95 21.82
N TRP A 183 2.89 -6.32 21.46
CA TRP A 183 3.12 -5.82 20.09
C TRP A 183 3.80 -6.91 19.28
N SER A 184 3.25 -7.18 18.12
CA SER A 184 3.79 -8.17 17.18
C SER A 184 3.59 -7.64 15.76
N LEU A 185 3.61 -8.52 14.77
CA LEU A 185 3.14 -8.16 13.42
C LEU A 185 1.74 -8.77 13.18
N GLY A 186 1.05 -9.21 14.24
CA GLY A 186 -0.40 -9.54 14.18
C GLY A 186 -0.70 -11.02 14.00
N LYS A 187 0.37 -11.82 13.93
CA LYS A 187 0.30 -13.29 13.75
C LYS A 187 0.63 -13.97 15.09
N GLY A 188 -0.08 -15.07 15.39
CA GLY A 188 0.15 -15.94 16.57
C GLY A 188 -0.46 -15.36 17.81
N GLN A 189 0.18 -14.33 18.33
CA GLN A 189 -0.39 -13.49 19.42
C GLN A 189 -0.01 -12.04 19.18
N GLY A 190 -0.80 -11.15 19.76
CA GLY A 190 -0.46 -9.71 19.76
C GLY A 190 -1.09 -8.93 18.62
N TYR A 191 -1.01 -7.60 18.72
CA TYR A 191 -1.54 -6.67 17.69
C TYR A 191 -0.41 -6.29 16.71
N SER A 192 -0.75 -6.14 15.43
CA SER A 192 0.19 -5.61 14.41
C SER A 192 0.59 -4.17 14.75
N LEU A 193 1.85 -3.92 15.13
CA LEU A 193 2.38 -2.54 15.31
C LEU A 193 2.30 -1.81 13.97
N PHE A 194 2.53 -2.46 12.82
CA PHE A 194 2.45 -1.82 11.47
C PHE A 194 1.03 -1.25 11.25
N LEU A 195 -0.01 -2.04 11.46
CA LEU A 195 -1.40 -1.59 11.16
C LEU A 195 -1.83 -0.51 12.15
N VAL A 196 -1.53 -0.65 13.44
CA VAL A 196 -1.92 0.39 14.42
C VAL A 196 -1.17 1.69 14.11
N ALA A 197 0.14 1.60 13.85
CA ALA A 197 0.95 2.80 13.52
C ALA A 197 0.36 3.45 12.28
N ALA A 198 0.03 2.71 11.22
CA ALA A 198 -0.54 3.30 9.99
C ALA A 198 -1.81 4.12 10.29
N HIS A 199 -2.69 3.62 11.14
CA HIS A 199 -3.91 4.34 11.55
C HIS A 199 -3.51 5.57 12.37
N GLU A 200 -2.62 5.41 13.35
CA GLU A 200 -2.26 6.58 14.24
C GLU A 200 -1.55 7.69 13.44
N PHE A 201 -0.70 7.35 12.47
CA PHE A 201 0.00 8.34 11.61
C PHE A 201 -1.01 9.09 10.73
N GLY A 202 -2.14 8.50 10.40
CA GLY A 202 -3.21 9.24 9.71
C GLY A 202 -3.66 10.41 10.55
N HIS A 203 -3.91 10.19 11.82
CA HIS A 203 -4.28 11.30 12.73
C HIS A 203 -3.16 12.35 12.81
N ALA A 204 -1.91 11.90 12.91
CA ALA A 204 -0.73 12.80 13.01
C ALA A 204 -0.54 13.62 11.72
N LEU A 205 -1.24 13.26 10.62
CA LEU A 205 -1.29 14.05 9.34
C LEU A 205 -2.54 14.91 9.26
N GLY A 206 -3.52 14.73 10.15
CA GLY A 206 -4.72 15.55 10.22
C GLY A 206 -6.02 14.83 9.86
N LEU A 207 -6.04 13.50 9.75
CA LEU A 207 -7.29 12.74 9.40
C LEU A 207 -8.08 12.42 10.66
N ASP A 208 -9.41 12.42 10.49
CA ASP A 208 -10.37 11.98 11.52
C ASP A 208 -10.67 10.49 11.30
N HIS A 209 -11.47 9.91 12.19
CA HIS A 209 -12.07 8.56 12.00
C HIS A 209 -12.99 8.52 10.79
N SER A 210 -13.01 7.38 10.13
CA SER A 210 -13.92 7.03 9.03
C SER A 210 -15.12 6.24 9.59
N SER A 211 -16.31 6.38 8.98
CA SER A 211 -17.47 5.50 9.26
C SER A 211 -17.49 4.27 8.37
N VAL A 212 -16.55 4.14 7.43
CA VAL A 212 -16.48 3.01 6.48
C VAL A 212 -15.75 1.86 7.16
N PRO A 213 -16.39 0.72 7.48
CA PRO A 213 -15.71 -0.29 8.29
C PRO A 213 -14.41 -0.86 7.66
N GLU A 214 -14.28 -0.85 6.33
CA GLU A 214 -13.12 -1.43 5.63
C GLU A 214 -11.93 -0.45 5.62
N ALA A 215 -12.15 0.82 5.92
CA ALA A 215 -11.13 1.89 5.81
C ALA A 215 -10.08 1.75 6.92
N LEU A 216 -8.84 2.12 6.64
CA LEU A 216 -7.76 2.13 7.65
C LEU A 216 -8.17 3.04 8.80
N MET A 217 -8.83 4.17 8.50
CA MET A 217 -9.14 5.17 9.55
C MET A 217 -10.46 4.84 10.29
N TYR A 218 -11.10 3.70 10.02
CA TYR A 218 -12.17 3.19 10.93
C TYR A 218 -11.52 2.92 12.29
N PRO A 219 -12.23 3.18 13.42
CA PRO A 219 -11.52 3.15 14.71
C PRO A 219 -11.18 1.76 15.28
N MET A 220 -11.89 0.72 14.86
CA MET A 220 -11.66 -0.64 15.38
C MET A 220 -10.42 -1.26 14.75
N TYR A 221 -9.70 -2.04 15.53
CA TYR A 221 -8.58 -2.87 14.99
C TYR A 221 -9.17 -4.02 14.16
N ARG A 222 -8.68 -4.18 12.95
CA ARG A 222 -9.00 -5.33 12.08
C ARG A 222 -7.68 -5.85 11.47
N PHE A 223 -7.22 -7.02 11.88
CA PHE A 223 -6.03 -7.63 11.24
C PHE A 223 -6.32 -7.91 9.76
N THR A 224 -5.35 -7.58 8.90
CA THR A 224 -5.36 -7.99 7.48
C THR A 224 -3.94 -8.22 7.00
N GLU A 225 -3.80 -9.12 6.01
CA GLU A 225 -2.52 -9.26 5.26
C GLU A 225 -2.63 -8.52 3.93
N GLY A 226 -3.77 -7.94 3.62
CA GLY A 226 -3.92 -7.20 2.36
C GLY A 226 -3.39 -5.75 2.45
N PRO A 227 -3.33 -5.04 1.30
CA PRO A 227 -3.01 -3.61 1.30
C PRO A 227 -3.98 -2.82 2.20
N PRO A 228 -3.49 -2.07 3.21
CA PRO A 228 -4.39 -1.48 4.20
C PRO A 228 -5.20 -0.26 3.74
N LEU A 229 -4.71 0.53 2.76
CA LEU A 229 -5.39 1.79 2.38
C LEU A 229 -6.63 1.44 1.56
N HIS A 230 -7.69 2.18 1.81
CA HIS A 230 -8.94 2.15 1.01
C HIS A 230 -9.15 3.51 0.31
N LYS A 231 -10.10 3.55 -0.63
CA LYS A 231 -10.45 4.80 -1.36
C LYS A 231 -10.76 5.92 -0.36
N ASP A 232 -11.47 5.61 0.73
CA ASP A 232 -11.89 6.66 1.71
C ASP A 232 -10.68 7.31 2.40
N ASP A 233 -9.64 6.54 2.68
CA ASP A 233 -8.36 7.03 3.29
C ASP A 233 -7.61 7.94 2.30
N VAL A 234 -7.49 7.52 1.06
CA VAL A 234 -6.74 8.27 0.02
C VAL A 234 -7.49 9.59 -0.25
N ASN A 235 -8.82 9.52 -0.33
CA ASN A 235 -9.62 10.76 -0.59
C ASN A 235 -9.54 11.69 0.62
N GLY A 236 -9.52 11.17 1.83
CA GLY A 236 -9.35 11.96 3.05
C GLY A 236 -8.09 12.80 2.99
N ILE A 237 -6.95 12.19 2.62
CA ILE A 237 -5.66 12.90 2.55
C ILE A 237 -5.68 13.90 1.39
N ARG A 238 -6.30 13.53 0.26
CA ARG A 238 -6.44 14.45 -0.89
C ARG A 238 -7.15 15.74 -0.49
N HIS A 239 -8.17 15.67 0.37
CA HIS A 239 -8.98 16.84 0.81
C HIS A 239 -8.16 17.74 1.77
N LEU A 240 -7.03 17.24 2.27
CA LEU A 240 -6.15 18.03 3.17
C LEU A 240 -5.02 18.72 2.39
N TYR A 241 -4.17 18.00 1.68
CA TYR A 241 -2.86 18.48 1.16
C TYR A 241 -2.79 18.49 -0.37
N GLY A 242 -3.83 18.06 -1.06
CA GLY A 242 -3.71 17.90 -2.51
C GLY A 242 -2.94 16.66 -2.94
N ASN B 11 26.64 -18.14 -21.39
CA ASN B 11 27.82 -18.28 -22.33
C ASN B 11 27.66 -17.36 -23.56
N LEU B 12 26.70 -16.42 -23.54
CA LEU B 12 26.82 -15.15 -24.30
C LEU B 12 27.98 -14.37 -23.65
N THR B 13 28.78 -13.67 -24.46
CA THR B 13 29.78 -12.70 -23.95
C THR B 13 29.02 -11.59 -23.24
N ASP B 14 29.71 -10.82 -22.39
CA ASP B 14 29.18 -9.56 -21.81
C ASP B 14 28.59 -8.69 -22.93
N ARG B 15 29.33 -8.48 -24.02
CA ARG B 15 28.87 -7.56 -25.09
C ARG B 15 27.65 -8.16 -25.82
N GLN B 16 27.59 -9.48 -26.02
CA GLN B 16 26.41 -10.10 -26.70
C GLN B 16 25.17 -9.97 -25.81
N LEU B 17 25.31 -10.19 -24.51
CA LEU B 17 24.18 -9.98 -23.55
C LEU B 17 23.69 -8.55 -23.70
N ALA B 18 24.62 -7.61 -23.70
CA ALA B 18 24.29 -6.18 -23.82
C ALA B 18 23.53 -5.94 -25.13
N GLU B 19 24.03 -6.46 -26.25
CA GLU B 19 23.38 -6.21 -27.57
C GLU B 19 21.95 -6.79 -27.62
N GLU B 20 21.73 -7.95 -27.04
CA GLU B 20 20.38 -8.58 -26.99
C GLU B 20 19.45 -7.72 -26.10
N TYR B 21 19.91 -7.26 -24.94
CA TYR B 21 19.06 -6.42 -24.05
C TYR B 21 18.70 -5.09 -24.72
N LEU B 22 19.69 -4.43 -25.29
CA LEU B 22 19.45 -3.10 -25.92
C LEU B 22 18.44 -3.29 -27.06
N TYR B 23 18.56 -4.35 -27.85
CA TYR B 23 17.62 -4.54 -28.97
C TYR B 23 16.21 -4.86 -28.46
N ARG B 24 16.09 -5.86 -27.58
CA ARG B 24 14.77 -6.36 -27.11
C ARG B 24 13.94 -5.23 -26.51
N TYR B 25 14.55 -4.35 -25.70
CA TYR B 25 13.77 -3.37 -24.91
C TYR B 25 13.69 -2.00 -25.63
N GLY B 26 14.26 -1.91 -26.85
CA GLY B 26 14.07 -0.78 -27.76
C GLY B 26 15.10 0.35 -27.73
N TYR B 27 16.30 0.11 -27.22
CA TYR B 27 17.36 1.14 -27.12
C TYR B 27 18.15 1.29 -28.42
N THR B 28 18.30 0.20 -29.20
CA THR B 28 18.97 0.25 -30.54
C THR B 28 17.90 -0.03 -31.58
N ARG B 29 17.86 0.74 -32.67
CA ARG B 29 16.84 0.55 -33.73
C ARG B 29 17.13 -0.77 -34.48
N VAL B 30 18.40 -1.17 -34.66
CA VAL B 30 18.78 -2.51 -35.23
C VAL B 30 19.50 -3.39 -34.20
N ALA B 31 19.54 -4.70 -34.46
CA ALA B 31 20.30 -5.66 -33.64
C ALA B 31 21.79 -5.44 -33.93
N GLU B 32 22.56 -5.00 -32.94
CA GLU B 32 23.99 -4.61 -33.14
C GLU B 32 24.87 -5.85 -32.90
N MET B 33 25.97 -5.93 -33.64
CA MET B 33 26.96 -7.03 -33.48
C MET B 33 28.35 -6.40 -33.61
N ARG B 34 28.84 -5.78 -32.52
CA ARG B 34 30.07 -4.91 -32.55
C ARG B 34 31.30 -5.70 -32.08
N GLY B 35 32.48 -5.22 -32.45
CA GLY B 35 33.76 -5.88 -32.11
C GLY B 35 34.40 -5.28 -30.88
N GLU B 36 33.75 -4.29 -30.25
CA GLU B 36 34.28 -3.45 -29.14
C GLU B 36 33.09 -2.68 -28.54
N SER B 37 33.17 -2.27 -27.27
CA SER B 37 32.06 -1.65 -26.50
C SER B 37 32.06 -0.13 -26.62
N LYS B 38 33.16 0.50 -27.07
CA LYS B 38 33.20 1.98 -27.08
C LYS B 38 32.09 2.51 -28.01
N SER B 39 31.87 1.89 -29.18
CA SER B 39 30.89 2.38 -30.19
C SER B 39 29.44 2.24 -29.71
N LEU B 40 29.19 1.47 -28.63
CA LEU B 40 27.81 1.33 -28.05
C LEU B 40 27.54 2.43 -27.01
N GLY B 41 28.49 3.33 -26.78
CA GLY B 41 28.38 4.42 -25.78
C GLY B 41 27.04 5.13 -25.84
N PRO B 42 26.63 5.69 -27.01
CA PRO B 42 25.35 6.40 -27.10
C PRO B 42 24.14 5.57 -26.63
N ALA B 43 24.09 4.30 -27.02
CA ALA B 43 22.97 3.41 -26.68
C ALA B 43 23.03 3.10 -25.17
N LEU B 44 24.22 2.88 -24.63
CA LEU B 44 24.39 2.57 -23.18
C LEU B 44 23.98 3.81 -22.35
N LEU B 45 24.31 5.03 -22.80
CA LEU B 45 23.89 6.26 -22.11
C LEU B 45 22.35 6.37 -22.08
N LEU B 46 21.67 6.04 -23.18
CA LEU B 46 20.18 6.08 -23.20
C LEU B 46 19.61 5.08 -22.19
N LEU B 47 20.17 3.86 -22.14
CA LEU B 47 19.71 2.83 -21.16
C LEU B 47 19.98 3.30 -19.72
N GLN B 48 21.17 3.84 -19.46
CA GLN B 48 21.54 4.32 -18.09
C GLN B 48 20.62 5.45 -17.66
N LYS B 49 20.23 6.34 -18.56
CA LYS B 49 19.27 7.42 -18.21
C LYS B 49 17.87 6.84 -17.90
N GLN B 50 17.40 5.92 -18.75
CA GLN B 50 16.03 5.35 -18.61
C GLN B 50 15.93 4.48 -17.34
N LEU B 51 17.01 3.83 -16.91
CA LEU B 51 17.03 2.94 -15.70
C LEU B 51 17.61 3.66 -14.46
N SER B 52 17.95 4.94 -14.56
CA SER B 52 18.57 5.73 -13.45
C SER B 52 19.84 5.02 -12.94
N LEU B 53 20.72 4.59 -13.84
CA LEU B 53 22.07 4.09 -13.50
C LEU B 53 23.06 5.24 -13.67
N PRO B 54 24.28 5.14 -13.13
CA PRO B 54 25.29 6.16 -13.43
C PRO B 54 25.54 6.26 -14.94
N GLU B 55 25.51 7.49 -15.45
CA GLU B 55 25.58 7.81 -16.91
C GLU B 55 27.04 7.83 -17.36
N THR B 56 27.68 6.67 -17.42
CA THR B 56 29.11 6.49 -17.79
C THR B 56 29.27 6.29 -19.29
N GLY B 57 28.23 5.81 -19.99
CA GLY B 57 28.38 5.34 -21.39
C GLY B 57 29.25 4.09 -21.54
N GLU B 58 29.62 3.40 -20.46
CA GLU B 58 30.50 2.20 -20.56
C GLU B 58 29.74 0.94 -20.14
N LEU B 59 30.17 -0.20 -20.67
CA LEU B 59 29.62 -1.52 -20.25
C LEU B 59 30.34 -1.95 -18.96
N ASP B 60 29.97 -1.32 -17.86
CA ASP B 60 30.64 -1.43 -16.55
C ASP B 60 29.83 -2.30 -15.60
N SER B 61 30.29 -2.43 -14.34
CA SER B 61 29.70 -3.36 -13.32
C SER B 61 28.19 -3.11 -13.17
N ALA B 62 27.82 -1.85 -12.99
CA ALA B 62 26.43 -1.46 -12.63
C ALA B 62 25.53 -1.72 -13.83
N THR B 63 26.02 -1.48 -15.05
CA THR B 63 25.20 -1.69 -16.26
C THR B 63 24.98 -3.19 -16.51
N LEU B 64 26.03 -4.01 -16.36
CA LEU B 64 25.90 -5.48 -16.55
C LEU B 64 24.97 -6.10 -15.49
N LYS B 65 25.06 -5.62 -14.25
CA LYS B 65 24.17 -6.04 -13.16
C LYS B 65 22.72 -5.77 -13.59
N ALA B 66 22.46 -4.54 -14.04
CA ALA B 66 21.10 -4.18 -14.50
C ALA B 66 20.62 -5.14 -15.60
N MET B 67 21.45 -5.39 -16.60
CA MET B 67 21.06 -6.25 -17.76
C MET B 67 20.85 -7.71 -17.34
N ARG B 68 21.54 -8.19 -16.28
CA ARG B 68 21.35 -9.57 -15.78
C ARG B 68 20.15 -9.70 -14.82
N THR B 69 19.48 -8.62 -14.44
CA THR B 69 18.38 -8.66 -13.43
C THR B 69 17.11 -9.11 -14.14
N PRO B 70 16.41 -10.14 -13.62
CA PRO B 70 15.11 -10.55 -14.16
C PRO B 70 14.17 -9.34 -14.14
N ARG B 71 13.27 -9.29 -15.12
CA ARG B 71 12.48 -8.07 -15.38
C ARG B 71 11.17 -8.37 -16.15
N CYS B 72 10.41 -7.31 -16.35
CA CYS B 72 9.18 -7.30 -17.14
C CYS B 72 9.53 -7.45 -18.62
N GLY B 73 8.71 -8.19 -19.36
CA GLY B 73 8.95 -8.41 -20.80
C GLY B 73 8.36 -7.33 -21.70
N VAL B 74 7.67 -6.33 -21.17
CA VAL B 74 7.19 -5.16 -21.95
C VAL B 74 8.43 -4.32 -22.31
N PRO B 75 8.57 -3.84 -23.57
CA PRO B 75 9.69 -2.96 -23.88
C PRO B 75 9.69 -1.58 -23.18
N ASP B 76 10.78 -0.85 -23.36
CA ASP B 76 11.02 0.47 -22.72
C ASP B 76 10.86 1.58 -23.77
N LEU B 77 11.67 1.57 -24.84
CA LEU B 77 11.83 2.77 -25.72
C LEU B 77 11.52 2.44 -27.18
N GLY B 78 11.06 1.23 -27.51
CA GLY B 78 10.90 0.78 -28.91
C GLY B 78 10.41 -0.64 -28.96
N ARG B 79 10.15 -1.20 -30.16
CA ARG B 79 9.75 -2.62 -30.36
C ARG B 79 8.29 -2.83 -29.91
N PHE B 80 7.48 -1.79 -29.77
CA PHE B 80 6.05 -1.92 -29.36
C PHE B 80 5.17 -2.23 -30.57
N GLN B 81 4.05 -2.95 -30.33
CA GLN B 81 3.00 -3.14 -31.37
C GLN B 81 2.08 -1.92 -31.42
N THR B 82 1.49 -1.57 -32.57
CA THR B 82 0.44 -0.51 -32.64
C THR B 82 -0.93 -1.10 -32.24
N PHE B 83 -1.68 -0.44 -31.35
CA PHE B 83 -2.95 -0.95 -30.80
C PHE B 83 -4.13 -0.02 -31.09
N GLU B 84 -5.35 -0.54 -30.85
CA GLU B 84 -6.65 0.16 -31.00
C GLU B 84 -6.96 1.07 -29.79
N GLY B 85 -7.34 2.32 -30.05
CA GLY B 85 -8.04 3.21 -29.09
C GLY B 85 -7.10 4.11 -28.30
N ASP B 86 -7.58 4.73 -27.24
CA ASP B 86 -6.72 5.70 -26.51
C ASP B 86 -5.93 5.02 -25.38
N LEU B 87 -6.00 3.68 -25.23
CA LEU B 87 -5.18 2.90 -24.25
C LEU B 87 -5.48 3.33 -22.81
N LYS B 88 -6.72 3.71 -22.52
CA LYS B 88 -7.29 3.75 -21.15
C LYS B 88 -8.70 3.16 -21.17
N TRP B 89 -9.17 2.68 -20.02
CA TRP B 89 -10.56 2.23 -19.82
C TRP B 89 -11.51 3.44 -19.82
N HIS B 90 -12.70 3.19 -20.36
CA HIS B 90 -13.82 4.16 -20.44
C HIS B 90 -15.07 3.64 -19.72
N HIS B 91 -14.90 2.70 -18.80
CA HIS B 91 -15.94 2.26 -17.83
C HIS B 91 -15.24 2.07 -16.48
N HIS B 92 -16.00 2.06 -15.39
CA HIS B 92 -15.50 2.10 -14.01
C HIS B 92 -15.29 0.70 -13.43
N ASN B 93 -16.11 -0.27 -13.81
CA ASN B 93 -16.08 -1.61 -13.20
C ASN B 93 -15.27 -2.52 -14.12
N ILE B 94 -14.04 -2.82 -13.70
CA ILE B 94 -13.11 -3.60 -14.55
C ILE B 94 -13.22 -5.05 -14.07
N THR B 95 -13.52 -5.97 -14.96
CA THR B 95 -13.67 -7.39 -14.61
C THR B 95 -12.38 -8.13 -14.99
N TYR B 96 -12.06 -9.18 -14.24
CA TYR B 96 -10.87 -10.01 -14.51
C TYR B 96 -11.20 -11.48 -14.34
N TRP B 97 -10.63 -12.30 -15.21
CA TRP B 97 -10.80 -13.78 -15.19
C TRP B 97 -9.46 -14.49 -15.05
N ILE B 98 -9.29 -15.34 -14.06
CA ILE B 98 -8.09 -16.24 -13.97
C ILE B 98 -8.33 -17.47 -14.88
N GLN B 99 -7.79 -17.43 -16.09
CA GLN B 99 -8.09 -18.39 -17.20
C GLN B 99 -7.54 -19.77 -16.85
N ASN B 100 -6.39 -19.83 -16.21
CA ASN B 100 -5.71 -21.11 -15.85
C ASN B 100 -4.79 -20.87 -14.66
N TYR B 101 -4.21 -21.93 -14.09
CA TYR B 101 -3.39 -21.82 -12.88
C TYR B 101 -2.03 -22.53 -13.05
N SER B 102 -0.99 -21.93 -12.49
CA SER B 102 0.31 -22.57 -12.18
C SER B 102 0.05 -23.65 -11.11
N GLU B 103 0.83 -24.74 -11.14
CA GLU B 103 0.86 -25.75 -10.04
C GLU B 103 1.83 -25.37 -8.92
N ASP B 104 2.52 -24.23 -8.98
CA ASP B 104 3.55 -23.84 -7.99
C ASP B 104 2.92 -23.48 -6.63
N LEU B 105 1.68 -23.01 -6.60
CA LEU B 105 1.01 -22.51 -5.38
C LEU B 105 -0.38 -23.08 -5.35
N PRO B 106 -1.00 -23.22 -4.17
CA PRO B 106 -2.43 -23.53 -4.12
C PRO B 106 -3.30 -22.50 -4.86
N ARG B 107 -4.36 -22.96 -5.53
CA ARG B 107 -5.30 -22.06 -6.27
C ARG B 107 -5.74 -20.89 -5.37
N ALA B 108 -6.04 -21.11 -4.10
CA ALA B 108 -6.57 -20.04 -3.25
C ALA B 108 -5.50 -18.99 -2.94
N VAL B 109 -4.23 -19.39 -2.86
CA VAL B 109 -3.10 -18.45 -2.62
C VAL B 109 -2.89 -17.60 -3.87
N ILE B 110 -2.98 -18.19 -5.07
CA ILE B 110 -2.87 -17.46 -6.36
C ILE B 110 -4.03 -16.45 -6.45
N ASP B 111 -5.25 -16.87 -6.16
CA ASP B 111 -6.44 -15.99 -6.20
C ASP B 111 -6.23 -14.76 -5.28
N ASP B 112 -5.74 -15.00 -4.07
CA ASP B 112 -5.52 -13.91 -3.07
C ASP B 112 -4.36 -12.99 -3.49
N ALA B 113 -3.29 -13.50 -4.09
CA ALA B 113 -2.19 -12.69 -4.66
C ALA B 113 -2.75 -11.69 -5.69
N PHE B 114 -3.57 -12.17 -6.61
CA PHE B 114 -4.19 -11.27 -7.60
C PHE B 114 -5.17 -10.28 -6.94
N ALA B 115 -6.02 -10.71 -6.00
CA ALA B 115 -6.97 -9.78 -5.35
C ALA B 115 -6.23 -8.65 -4.62
N ARG B 116 -5.15 -8.98 -3.93
CA ARG B 116 -4.32 -7.97 -3.22
C ARG B 116 -3.64 -7.03 -4.21
N ALA B 117 -3.14 -7.51 -5.34
CA ALA B 117 -2.51 -6.64 -6.36
C ALA B 117 -3.59 -5.64 -6.88
N PHE B 118 -4.79 -6.09 -7.20
CA PHE B 118 -5.88 -5.17 -7.64
C PHE B 118 -6.23 -4.17 -6.51
N ALA B 119 -6.21 -4.59 -5.25
CA ALA B 119 -6.55 -3.72 -4.10
C ALA B 119 -5.60 -2.52 -4.00
N LEU B 120 -4.32 -2.67 -4.41
CA LEU B 120 -3.40 -1.51 -4.47
C LEU B 120 -3.95 -0.44 -5.40
N TRP B 121 -4.40 -0.83 -6.60
CA TRP B 121 -4.82 0.14 -7.63
C TRP B 121 -6.23 0.66 -7.35
N SER B 122 -7.07 -0.11 -6.70
CA SER B 122 -8.46 0.31 -6.42
C SER B 122 -8.46 1.54 -5.47
N ALA B 123 -7.56 1.61 -4.51
CA ALA B 123 -7.58 2.69 -3.45
C ALA B 123 -7.24 4.04 -4.11
N VAL B 124 -6.47 4.03 -5.20
CA VAL B 124 -5.88 5.28 -5.77
C VAL B 124 -6.48 5.62 -7.15
N THR B 125 -7.53 4.94 -7.57
CA THR B 125 -8.28 5.22 -8.84
C THR B 125 -9.78 5.22 -8.61
N PRO B 126 -10.56 5.82 -9.55
CA PRO B 126 -12.01 5.69 -9.50
C PRO B 126 -12.54 4.34 -10.01
N LEU B 127 -11.68 3.37 -10.18
CA LEU B 127 -12.05 2.04 -10.76
C LEU B 127 -12.37 1.07 -9.62
N THR B 128 -13.23 0.09 -9.90
CA THR B 128 -13.43 -1.11 -9.08
C THR B 128 -13.03 -2.33 -9.91
N PHE B 129 -12.53 -3.34 -9.24
CA PHE B 129 -12.08 -4.60 -9.87
C PHE B 129 -12.96 -5.73 -9.36
N THR B 130 -13.63 -6.44 -10.27
CA THR B 130 -14.55 -7.56 -9.93
C THR B 130 -14.03 -8.86 -10.54
N ARG B 131 -13.75 -9.85 -9.71
CA ARG B 131 -13.39 -11.20 -10.19
C ARG B 131 -14.62 -11.84 -10.84
N VAL B 132 -14.45 -12.36 -12.05
CA VAL B 132 -15.52 -13.12 -12.77
C VAL B 132 -14.96 -14.48 -13.20
N TYR B 133 -15.82 -15.37 -13.72
CA TYR B 133 -15.47 -16.81 -13.87
C TYR B 133 -15.76 -17.30 -15.29
N SER B 134 -15.72 -16.42 -16.27
CA SER B 134 -15.78 -16.79 -17.70
C SER B 134 -15.02 -15.79 -18.58
N ARG B 135 -14.95 -16.18 -19.86
CA ARG B 135 -14.33 -15.37 -20.94
C ARG B 135 -14.90 -13.96 -21.04
N ASP B 136 -16.11 -13.70 -20.54
CA ASP B 136 -16.67 -12.34 -20.56
C ASP B 136 -15.95 -11.52 -19.48
N ALA B 137 -14.80 -10.95 -19.82
CA ALA B 137 -13.94 -10.27 -18.83
C ALA B 137 -13.06 -9.25 -19.55
N ASP B 138 -12.71 -8.16 -18.88
CA ASP B 138 -11.79 -7.14 -19.46
C ASP B 138 -10.32 -7.62 -19.41
N ILE B 139 -9.87 -8.08 -18.26
CA ILE B 139 -8.47 -8.53 -18.01
C ILE B 139 -8.45 -10.03 -17.88
N VAL B 140 -7.95 -10.72 -18.89
CA VAL B 140 -7.76 -12.18 -18.85
C VAL B 140 -6.34 -12.44 -18.34
N ILE B 141 -6.22 -13.32 -17.35
CA ILE B 141 -4.92 -13.68 -16.71
C ILE B 141 -4.56 -15.12 -17.12
N GLN B 142 -3.34 -15.32 -17.66
CA GLN B 142 -2.86 -16.62 -18.19
C GLN B 142 -1.49 -16.90 -17.57
N PHE B 143 -1.25 -18.15 -17.22
CA PHE B 143 0.10 -18.74 -17.03
C PHE B 143 0.49 -19.52 -18.29
N GLY B 144 1.68 -19.26 -18.81
CA GLY B 144 2.11 -19.90 -20.08
C GLY B 144 3.60 -20.10 -20.10
N VAL B 145 4.09 -20.96 -21.00
CA VAL B 145 5.57 -21.15 -21.19
C VAL B 145 5.89 -20.98 -22.67
N ALA B 146 7.11 -20.54 -22.97
CA ALA B 146 7.60 -20.40 -24.37
C ALA B 146 6.52 -19.76 -25.24
N GLU B 147 6.18 -20.36 -26.41
CA GLU B 147 5.10 -19.84 -27.30
C GLU B 147 3.76 -20.22 -26.67
N HIS B 148 2.97 -19.24 -26.20
CA HIS B 148 1.74 -19.45 -25.41
C HIS B 148 0.52 -18.80 -26.09
N GLY B 149 0.56 -18.55 -27.42
CA GLY B 149 -0.64 -18.21 -28.21
C GLY B 149 -0.73 -16.79 -28.70
N ASP B 150 0.25 -15.91 -28.40
CA ASP B 150 0.13 -14.46 -28.77
C ASP B 150 1.30 -13.96 -29.60
N GLY B 151 2.24 -14.82 -30.01
CA GLY B 151 3.40 -14.47 -30.88
C GLY B 151 4.49 -13.70 -30.15
N TYR B 152 4.36 -13.53 -28.84
CA TYR B 152 5.42 -12.94 -27.97
C TYR B 152 5.95 -13.96 -26.97
N PRO B 153 6.78 -14.93 -27.37
CA PRO B 153 7.11 -16.05 -26.50
C PRO B 153 7.94 -15.68 -25.25
N PHE B 154 7.72 -16.44 -24.18
CA PHE B 154 8.60 -16.36 -22.98
C PHE B 154 9.90 -17.11 -23.27
N ASP B 155 10.83 -17.08 -22.31
CA ASP B 155 12.29 -17.31 -22.54
C ASP B 155 12.85 -18.35 -21.58
N GLY B 156 12.00 -19.13 -20.93
CA GLY B 156 12.41 -20.12 -19.93
C GLY B 156 12.77 -19.47 -18.60
N LYS B 157 13.59 -20.15 -17.79
CA LYS B 157 13.91 -19.67 -16.43
C LYS B 157 14.61 -18.31 -16.43
N ASP B 158 14.23 -17.43 -15.49
CA ASP B 158 14.79 -16.06 -15.32
C ASP B 158 14.57 -15.21 -16.58
N GLY B 159 15.34 -14.13 -16.76
CA GLY B 159 15.12 -13.18 -17.86
C GLY B 159 13.77 -12.49 -17.69
N LEU B 160 12.91 -12.67 -18.69
CA LEU B 160 11.52 -12.11 -18.76
C LEU B 160 10.66 -12.87 -17.75
N LEU B 161 9.88 -12.17 -16.89
CA LEU B 161 9.01 -12.85 -15.91
C LEU B 161 7.54 -12.90 -16.33
N ALA B 162 7.10 -11.89 -17.08
CA ALA B 162 5.68 -11.64 -17.35
C ALA B 162 5.56 -10.51 -18.35
N HIS B 163 4.38 -10.35 -18.94
CA HIS B 163 4.07 -9.12 -19.69
C HIS B 163 2.57 -8.88 -19.69
N ALA B 164 2.15 -7.73 -20.22
CA ALA B 164 0.73 -7.34 -20.23
C ALA B 164 0.48 -6.38 -21.40
N PHE B 165 -0.78 -6.24 -21.75
CA PHE B 165 -1.26 -5.44 -22.90
C PHE B 165 -2.02 -4.24 -22.40
N PRO B 166 -1.94 -3.08 -23.10
CA PRO B 166 -2.59 -1.88 -22.62
C PRO B 166 -4.11 -1.96 -22.81
N PRO B 167 -4.91 -1.11 -22.10
CA PRO B 167 -6.38 -1.17 -22.16
C PRO B 167 -6.95 -1.14 -23.59
N GLY B 168 -8.09 -1.80 -23.74
CA GLY B 168 -8.78 -1.96 -25.03
C GLY B 168 -9.42 -3.33 -25.16
N PRO B 169 -9.92 -3.69 -26.34
CA PRO B 169 -10.67 -4.94 -26.50
C PRO B 169 -9.80 -6.17 -26.79
N GLY B 170 -10.40 -7.35 -26.60
CA GLY B 170 -9.77 -8.65 -26.90
C GLY B 170 -8.52 -8.86 -26.04
N ILE B 171 -7.36 -9.07 -26.66
CA ILE B 171 -6.09 -9.34 -25.91
C ILE B 171 -5.68 -8.09 -25.12
N GLN B 172 -6.16 -6.89 -25.49
CA GLN B 172 -5.82 -5.64 -24.78
C GLN B 172 -6.34 -5.77 -23.36
N GLY B 173 -5.54 -5.35 -22.39
CA GLY B 173 -5.87 -5.44 -20.96
C GLY B 173 -5.39 -6.74 -20.34
N ASP B 174 -4.92 -7.72 -21.09
CA ASP B 174 -4.63 -9.07 -20.58
C ASP B 174 -3.23 -9.12 -19.94
N ALA B 175 -3.00 -10.08 -19.03
CA ALA B 175 -1.75 -10.18 -18.24
C ALA B 175 -1.29 -11.64 -18.29
N HIS B 176 -0.05 -11.88 -18.71
CA HIS B 176 0.50 -13.24 -18.83
C HIS B 176 1.73 -13.39 -17.92
N PHE B 177 1.90 -14.58 -17.33
CA PHE B 177 2.98 -14.90 -16.34
C PHE B 177 3.73 -16.13 -16.83
N ASP B 178 5.06 -16.03 -16.89
CA ASP B 178 5.98 -17.11 -17.39
C ASP B 178 6.04 -18.25 -16.35
N ASP B 179 5.43 -19.39 -16.66
CA ASP B 179 5.37 -20.51 -15.71
C ASP B 179 6.68 -21.32 -15.73
N ASP B 180 7.67 -20.94 -16.52
CA ASP B 180 9.00 -21.54 -16.32
C ASP B 180 9.69 -20.92 -15.09
N GLU B 181 9.13 -19.86 -14.51
CA GLU B 181 9.56 -19.37 -13.17
C GLU B 181 8.90 -20.21 -12.06
N LEU B 182 9.55 -20.26 -10.89
CA LEU B 182 8.93 -20.72 -9.64
C LEU B 182 8.17 -19.53 -9.03
N TRP B 183 6.86 -19.61 -9.00
CA TRP B 183 5.97 -18.56 -8.43
C TRP B 183 5.78 -18.85 -6.94
N SER B 184 6.03 -17.84 -6.13
CA SER B 184 5.84 -17.91 -4.66
C SER B 184 5.32 -16.58 -4.13
N LEU B 185 5.40 -16.33 -2.82
CA LEU B 185 5.17 -14.96 -2.30
C LEU B 185 6.52 -14.30 -2.01
N GLY B 186 7.59 -14.84 -2.62
CA GLY B 186 8.87 -14.14 -2.81
C GLY B 186 9.86 -14.34 -1.66
N LYS B 187 9.47 -14.92 -0.52
CA LYS B 187 10.40 -14.96 0.64
C LYS B 187 11.33 -16.19 0.50
N GLY B 188 12.62 -15.92 0.35
CA GLY B 188 13.67 -16.91 0.04
C GLY B 188 13.53 -17.45 -1.37
N GLN B 189 12.50 -18.29 -1.60
CA GLN B 189 12.31 -19.12 -2.82
C GLN B 189 11.40 -18.38 -3.83
N GLY B 190 11.76 -18.41 -5.10
CA GLY B 190 10.86 -18.02 -6.21
C GLY B 190 10.68 -16.52 -6.30
N TYR B 191 9.82 -16.11 -7.24
CA TYR B 191 9.48 -14.69 -7.50
C TYR B 191 8.09 -14.45 -6.93
N SER B 192 7.89 -13.27 -6.32
CA SER B 192 6.59 -12.90 -5.73
C SER B 192 5.54 -12.71 -6.85
N LEU B 193 4.52 -13.59 -6.90
CA LEU B 193 3.40 -13.41 -7.86
C LEU B 193 2.64 -12.13 -7.51
N PHE B 194 2.55 -11.77 -6.22
CA PHE B 194 1.88 -10.50 -5.82
C PHE B 194 2.56 -9.30 -6.44
N LEU B 195 3.88 -9.16 -6.31
CA LEU B 195 4.60 -7.95 -6.75
C LEU B 195 4.63 -7.94 -8.28
N VAL B 196 4.86 -9.07 -8.94
CA VAL B 196 4.91 -9.05 -10.42
C VAL B 196 3.48 -8.76 -10.95
N ALA B 197 2.44 -9.31 -10.33
CA ALA B 197 1.06 -9.05 -10.82
C ALA B 197 0.75 -7.56 -10.62
N ALA B 198 1.15 -6.97 -9.50
CA ALA B 198 0.83 -5.55 -9.23
C ALA B 198 1.43 -4.67 -10.33
N HIS B 199 2.67 -4.94 -10.73
CA HIS B 199 3.36 -4.24 -11.85
C HIS B 199 2.59 -4.46 -13.18
N GLU B 200 2.30 -5.71 -13.54
CA GLU B 200 1.62 -6.04 -14.83
C GLU B 200 0.24 -5.42 -14.89
N PHE B 201 -0.48 -5.35 -13.76
CA PHE B 201 -1.85 -4.74 -13.75
C PHE B 201 -1.76 -3.23 -13.95
N GLY B 202 -0.63 -2.62 -13.59
CA GLY B 202 -0.39 -1.22 -13.94
C GLY B 202 -0.44 -1.03 -15.45
N HIS B 203 0.24 -1.87 -16.22
CA HIS B 203 0.20 -1.78 -17.72
C HIS B 203 -1.24 -1.99 -18.19
N ALA B 204 -1.96 -2.95 -17.59
CA ALA B 204 -3.34 -3.27 -18.00
C ALA B 204 -4.31 -2.11 -17.68
N LEU B 205 -3.89 -1.09 -16.90
CA LEU B 205 -4.66 0.17 -16.68
C LEU B 205 -4.20 1.30 -17.60
N GLY B 206 -3.03 1.18 -18.26
CA GLY B 206 -2.51 2.21 -19.17
C GLY B 206 -1.18 2.84 -18.76
N LEU B 207 -0.46 2.31 -17.76
CA LEU B 207 0.83 2.89 -17.35
C LEU B 207 2.03 2.33 -18.13
N ASP B 208 3.03 3.18 -18.31
CA ASP B 208 4.32 2.84 -18.91
C ASP B 208 5.32 2.50 -17.81
N HIS B 209 6.55 2.19 -18.20
CA HIS B 209 7.64 2.01 -17.20
C HIS B 209 8.06 3.34 -16.56
N SER B 210 8.40 3.30 -15.26
CA SER B 210 9.00 4.40 -14.49
C SER B 210 10.53 4.32 -14.60
N SER B 211 11.20 5.46 -14.56
CA SER B 211 12.68 5.52 -14.42
C SER B 211 13.11 5.54 -12.94
N VAL B 212 12.16 5.62 -12.01
CA VAL B 212 12.45 5.67 -10.53
C VAL B 212 12.67 4.27 -9.98
N PRO B 213 13.88 3.87 -9.52
CA PRO B 213 14.12 2.49 -9.11
C PRO B 213 13.27 1.95 -7.97
N GLU B 214 12.74 2.82 -7.14
CA GLU B 214 11.88 2.35 -6.01
C GLU B 214 10.42 2.22 -6.47
N ALA B 215 10.03 2.70 -7.65
CA ALA B 215 8.62 2.72 -8.07
C ALA B 215 8.15 1.30 -8.46
N LEU B 216 6.84 1.01 -8.23
CA LEU B 216 6.28 -0.32 -8.65
C LEU B 216 6.47 -0.51 -10.17
N MET B 217 6.28 0.55 -10.96
CA MET B 217 6.36 0.49 -12.46
C MET B 217 7.81 0.53 -12.99
N TYR B 218 8.82 0.47 -12.13
CA TYR B 218 10.21 0.22 -12.59
C TYR B 218 10.23 -1.19 -13.18
N PRO B 219 10.96 -1.44 -14.30
CA PRO B 219 10.83 -2.74 -14.94
C PRO B 219 11.51 -3.92 -14.25
N MET B 220 12.51 -3.68 -13.41
CA MET B 220 13.29 -4.80 -12.83
C MET B 220 12.52 -5.40 -11.67
N TYR B 221 12.66 -6.70 -11.46
CA TYR B 221 12.15 -7.35 -10.23
C TYR B 221 12.95 -6.86 -9.00
N ARG B 222 12.25 -6.48 -7.94
CA ARG B 222 12.85 -6.10 -6.63
C ARG B 222 11.97 -6.67 -5.52
N PHE B 223 12.41 -7.72 -4.81
CA PHE B 223 11.61 -8.22 -3.67
C PHE B 223 11.57 -7.16 -2.57
N THR B 224 10.38 -6.96 -1.99
CA THR B 224 10.20 -6.08 -0.81
C THR B 224 9.09 -6.65 0.06
N GLU B 225 9.18 -6.47 1.38
CA GLU B 225 8.05 -6.76 2.29
C GLU B 225 7.28 -5.46 2.61
N GLY B 226 7.72 -4.34 2.09
CA GLY B 226 7.13 -3.02 2.36
C GLY B 226 6.00 -2.72 1.39
N PRO B 227 5.24 -1.64 1.65
CA PRO B 227 4.20 -1.17 0.73
C PRO B 227 4.75 -0.86 -0.66
N PRO B 228 4.26 -1.51 -1.73
CA PRO B 228 4.95 -1.41 -3.02
C PRO B 228 4.66 -0.14 -3.82
N LEU B 229 3.53 0.54 -3.63
CA LEU B 229 3.27 1.80 -4.38
C LEU B 229 4.21 2.93 -3.95
N HIS B 230 4.61 3.75 -4.92
CA HIS B 230 5.41 4.97 -4.67
CA HIS B 230 5.47 4.95 -4.79
C HIS B 230 4.71 6.17 -5.33
N LYS B 231 5.14 7.38 -4.95
CA LYS B 231 4.59 8.66 -5.45
C LYS B 231 4.52 8.64 -6.98
N ASP B 232 5.57 8.13 -7.65
CA ASP B 232 5.62 8.19 -9.13
C ASP B 232 4.48 7.34 -9.73
N ASP B 233 4.16 6.20 -9.11
CA ASP B 233 3.03 5.33 -9.57
C ASP B 233 1.70 6.07 -9.43
N VAL B 234 1.50 6.68 -8.28
CA VAL B 234 0.24 7.44 -8.02
C VAL B 234 0.13 8.64 -8.97
N ASN B 235 1.22 9.36 -9.18
CA ASN B 235 1.16 10.53 -10.11
C ASN B 235 0.79 10.02 -11.51
N GLY B 236 1.39 8.90 -11.94
CA GLY B 236 1.12 8.28 -13.24
C GLY B 236 -0.36 7.91 -13.39
N ILE B 237 -0.95 7.26 -12.38
CA ILE B 237 -2.35 6.74 -12.54
C ILE B 237 -3.32 7.93 -12.45
N ARG B 238 -3.02 8.98 -11.67
CA ARG B 238 -3.85 10.22 -11.58
C ARG B 238 -3.80 11.01 -12.89
N HIS B 239 -2.69 11.02 -13.60
CA HIS B 239 -2.62 11.69 -14.92
C HIS B 239 -3.67 11.07 -15.87
N LEU B 240 -3.91 9.76 -15.79
CA LEU B 240 -4.85 9.01 -16.67
C LEU B 240 -6.31 9.13 -16.19
N TYR B 241 -6.57 8.87 -14.90
CA TYR B 241 -7.96 8.66 -14.39
C TYR B 241 -8.42 9.80 -13.46
N GLY B 242 -7.54 10.72 -13.10
CA GLY B 242 -7.85 11.92 -12.31
C GLY B 242 -7.67 11.70 -10.82
ZN ZN C . -7.98 6.61 15.60
ZN ZN D . -0.38 9.68 25.22
CA CA E . -5.05 -1.01 26.26
CA CA F . 3.95 -4.66 25.69
CA CA G . 5.14 16.98 17.89
CAN VP6 H . -5.22 13.44 21.45
CAO VP6 H . -5.58 11.98 21.67
CAP VP6 H . -5.71 11.68 23.15
CAQ VP6 H . -6.95 12.10 23.72
CAW VP6 H . -7.73 11.09 24.28
NAV VP6 H . -8.98 11.41 24.93
CAU VP6 H . -9.43 12.71 24.90
NAX VP6 H . -10.59 13.06 25.47
CAT VP6 H . -8.67 13.71 24.34
FAY VP6 H . -9.11 15.06 24.32
CAR VP6 H . -7.43 13.41 23.70
CAS VP6 H . -6.76 14.53 23.19
NAM VP6 H . -6.41 14.28 21.74
CAK VP6 H . -7.27 14.90 20.83
OAL VP6 H . -8.24 15.57 21.29
CAB VP6 H . -7.27 14.70 19.43
CAA VP6 H . -6.74 13.68 18.57
CAE VP6 H . -7.11 14.07 17.30
CAF VP6 H . -6.97 13.46 16.04
CAG VP6 H . -7.43 14.14 14.91
CAH VP6 H . -8.09 15.41 15.01
CAJ VP6 H . -8.59 16.07 13.80
CBA VP6 H . -9.65 15.13 13.11
CBB VP6 H . -9.36 17.32 14.08
OAZ VP6 H . -7.49 16.36 12.88
CAI VP6 H . -8.29 15.93 16.30
CAD VP6 H . -7.78 15.29 17.37
NAC VP6 H . -7.86 15.67 18.67
P 2HP I . -29.88 -9.58 18.74
O1 2HP I . -29.51 -8.47 19.74
O2 2HP I . -28.97 -10.87 18.96
O3 2HP I . -29.65 -8.98 17.27
O4 2HP I . -31.36 -10.06 18.90
ZN ZN J . 6.48 -3.72 -17.15
ZN ZN K . 1.82 -13.41 -23.69
CA CA L . 11.51 -16.22 -18.02
CA CA M . 6.28 -22.47 -12.67
CA CA N . -8.86 -8.13 -22.60
CAN VP6 O . 2.25 -6.24 -25.18
CAO VP6 O . 3.30 -7.00 -24.33
CAP VP6 O . 4.00 -8.15 -25.20
CAQ VP6 O . 5.02 -7.68 -26.10
CAW VP6 O . 6.34 -8.09 -25.86
NAV VP6 O . 7.37 -7.71 -26.71
CAU VP6 O . 7.13 -6.86 -27.70
NAX VP6 O . 8.13 -6.40 -28.52
CAT VP6 O . 5.83 -6.43 -27.99
FAY VP6 O . 5.65 -5.57 -29.05
CAR VP6 O . 4.78 -6.80 -27.18
CAS VP6 O . 3.44 -6.29 -27.51
NAM VP6 O . 2.88 -5.49 -26.29
CAK VP6 O . 2.97 -4.16 -26.32
OAL VP6 O . 3.50 -3.67 -27.35
CAB VP6 O . 2.70 -3.23 -25.28
CAA VP6 O . 2.57 -3.35 -23.88
CAE VP6 O . 2.24 -2.09 -23.44
CAF VP6 O . 2.07 -1.61 -22.14
CAG VP6 O . 1.74 -0.28 -21.95
CAH VP6 O . 1.56 0.61 -23.06
CAJ VP6 O . 1.23 2.03 -22.87
CBA VP6 O . 2.13 2.75 -21.87
CBB VP6 O . 1.37 2.84 -24.14
OAZ VP6 O . -0.14 2.23 -22.41
CAI VP6 O . 1.80 0.05 -24.37
CAD VP6 O . 2.14 -1.23 -24.50
NAC VP6 O . 2.39 -1.96 -25.63
#